data_1LEE
#
_entry.id   1LEE
#
_cell.length_a   75.890
_cell.length_b   84.830
_cell.length_c   123.080
_cell.angle_alpha   90.00
_cell.angle_beta   90.00
_cell.angle_gamma   90.00
#
_symmetry.space_group_name_H-M   'I 2 2 2'
#
loop_
_entity.id
_entity.type
_entity.pdbx_description
1 polymer 'Plasmepsin 2'
2 non-polymer 4-AMINO-N-{4-[2-(2,6-DIMETHYL-PHENOXY)-ACETYLAMINO]-3-HYDROXY-1-ISOBUTYL-5-PHENYL-PENTYL}-BENZAMIDE
3 water water
#
_entity_poly.entity_id   1
_entity_poly.type   'polypeptide(L)'
_entity_poly.pdbx_seq_one_letter_code
;LGSSNDNIELVDFQNIMFYGDAEVGDNQQPFTFILDTGSANLWVPSVKCTTAGCLTKHLYDSSKSRTYEKDGTKVEMNYV
SGTVSGFFSKDLVTVGNLSLPYKFIEVIDTNGFEPTYTASTFDGILGLGWKDLSIGSVDPIVVELKNQNKIENALFTFYL
PVHDKHTGFLTIGGIEERFYEGPLTYEKLNHDLYWQITLDAHVGNISLEKANCIVDSGTSAITVPTDFLNKMLQNLDVIK
VPFLPFYVTLCNNSKLPTFEFTSENGKYTLEPEYYLQHIEDVGPGLCMLNIIGLDFPVPTFILGDPFMRKYFTVFDYDNH
SVGIALAKKNL
;
_entity_poly.pdbx_strand_id   A
#
loop_
_chem_comp.id
_chem_comp.type
_chem_comp.name
_chem_comp.formula
R36 non-polymer 4-AMINO-N-{4-[2-(2,6-DIMETHYL-PHENOXY)-ACETYLAMINO]-3-HYDROXY-1-ISOBUTYL-5-PHENYL-PENTYL}-BENZAMIDE 'C32 H41 N3 O4'
#
# COMPACT_ATOMS: atom_id res chain seq x y z
N LEU A 1 -21.90 -16.74 2.86
CA LEU A 1 -21.80 -16.50 1.39
C LEU A 1 -20.79 -17.47 0.78
N GLY A 2 -21.31 -18.42 -0.02
CA GLY A 2 -20.48 -19.39 -0.72
C GLY A 2 -19.63 -18.58 -1.68
N SER A 3 -18.41 -18.25 -1.20
CA SER A 3 -17.37 -17.40 -1.85
C SER A 3 -17.76 -15.90 -2.11
N SER A 4 -18.14 -15.60 -3.37
CA SER A 4 -18.51 -14.24 -3.89
C SER A 4 -17.14 -13.56 -4.10
N ASN A 5 -17.03 -12.30 -3.67
CA ASN A 5 -15.80 -11.51 -3.75
C ASN A 5 -15.39 -10.98 -5.10
N ASP A 6 -14.96 -9.75 -5.00
CA ASP A 6 -14.55 -8.99 -6.11
C ASP A 6 -13.04 -9.02 -6.15
N ASN A 7 -12.46 -9.75 -7.09
CA ASN A 7 -11.03 -9.78 -7.20
C ASN A 7 -10.48 -8.87 -8.29
N ILE A 8 -9.51 -8.04 -7.91
CA ILE A 8 -8.76 -7.10 -8.78
C ILE A 8 -7.31 -7.60 -8.85
N GLU A 9 -6.83 -7.93 -10.04
CA GLU A 9 -5.47 -8.47 -10.23
C GLU A 9 -4.45 -7.36 -10.03
N LEU A 10 -3.35 -7.71 -9.36
CA LEU A 10 -2.28 -6.78 -9.08
C LEU A 10 -1.15 -7.11 -10.01
N VAL A 11 -0.62 -6.07 -10.62
CA VAL A 11 0.46 -6.19 -11.59
C VAL A 11 1.78 -5.74 -10.91
N ASP A 12 2.73 -6.66 -10.83
CA ASP A 12 4.04 -6.45 -10.24
C ASP A 12 5.03 -5.63 -11.10
N PHE A 13 5.93 -4.92 -10.47
CA PHE A 13 6.94 -4.21 -11.21
C PHE A 13 8.22 -4.44 -10.44
N GLN A 14 9.01 -5.37 -10.94
CA GLN A 14 10.34 -5.74 -10.39
C GLN A 14 10.44 -6.10 -8.89
N ASN A 15 9.31 -6.47 -8.28
CA ASN A 15 9.24 -6.80 -6.86
C ASN A 15 9.41 -5.52 -6.05
N ILE A 16 9.34 -4.38 -6.73
CA ILE A 16 9.48 -3.10 -6.09
C ILE A 16 8.06 -2.55 -5.88
N MET A 17 7.29 -2.52 -6.95
CA MET A 17 5.98 -1.92 -6.84
C MET A 17 4.98 -2.79 -7.51
N PHE A 18 3.72 -2.51 -7.28
CA PHE A 18 2.69 -3.29 -7.95
C PHE A 18 1.55 -2.32 -8.22
N TYR A 19 0.70 -2.63 -9.19
CA TYR A 19 -0.43 -1.71 -9.51
C TYR A 19 -1.74 -2.47 -9.78
N GLY A 20 -2.86 -1.75 -9.76
CA GLY A 20 -4.15 -2.34 -10.03
C GLY A 20 -5.00 -1.37 -10.84
N ASP A 21 -5.98 -1.91 -11.54
CA ASP A 21 -6.84 -1.07 -12.37
C ASP A 21 -8.24 -0.87 -11.88
N ALA A 22 -8.75 0.34 -12.12
CA ALA A 22 -10.09 0.72 -11.79
C ALA A 22 -10.58 1.67 -12.91
N GLU A 23 -11.90 1.95 -12.96
CA GLU A 23 -12.52 2.80 -13.97
C GLU A 23 -13.42 3.78 -13.32
N VAL A 24 -13.57 4.91 -14.01
CA VAL A 24 -14.41 6.03 -13.52
C VAL A 24 -15.38 6.45 -14.68
N GLY A 25 -16.59 6.86 -14.28
CA GLY A 25 -17.62 7.22 -15.24
C GLY A 25 -18.52 6.04 -15.64
N ASP A 26 -19.76 6.35 -16.05
CA ASP A 26 -20.66 5.28 -16.47
C ASP A 26 -20.12 4.64 -17.73
N ASN A 27 -19.15 5.31 -18.35
CA ASN A 27 -18.49 4.78 -19.57
C ASN A 27 -17.17 4.03 -19.22
N GLN A 28 -16.95 3.89 -17.92
CA GLN A 28 -15.82 3.15 -17.40
C GLN A 28 -14.46 3.45 -18.05
N GLN A 29 -14.05 4.70 -17.97
CA GLN A 29 -12.76 5.12 -18.50
C GLN A 29 -11.69 4.42 -17.60
N PRO A 30 -10.71 3.79 -18.20
CA PRO A 30 -9.61 3.04 -17.58
C PRO A 30 -8.38 3.83 -17.05
N PHE A 31 -7.89 3.47 -15.85
CA PHE A 31 -6.74 4.10 -15.17
C PHE A 31 -6.00 3.03 -14.35
N THR A 32 -4.69 3.21 -14.18
CA THR A 32 -3.82 2.31 -13.41
C THR A 32 -3.54 3.07 -12.13
N PHE A 33 -3.69 2.39 -10.98
CA PHE A 33 -3.55 3.03 -9.66
C PHE A 33 -2.55 2.34 -8.73
N ILE A 34 -2.07 3.11 -7.75
CA ILE A 34 -1.27 2.56 -6.64
C ILE A 34 -2.47 2.31 -5.67
N LEU A 35 -2.70 1.08 -5.24
CA LEU A 35 -3.79 0.74 -4.33
C LEU A 35 -3.15 0.92 -2.95
N ASP A 36 -3.59 1.93 -2.25
CA ASP A 36 -2.90 2.34 -1.05
C ASP A 36 -3.55 2.26 0.32
N THR A 37 -3.16 1.26 1.12
CA THR A 37 -3.74 1.18 2.50
C THR A 37 -3.27 2.32 3.39
N GLY A 38 -2.34 3.14 2.88
CA GLY A 38 -1.87 4.25 3.67
C GLY A 38 -2.42 5.66 3.36
N SER A 39 -3.51 5.77 2.64
CA SER A 39 -4.15 7.06 2.36
C SER A 39 -5.66 6.65 2.20
N ALA A 40 -6.52 7.66 2.10
CA ALA A 40 -7.94 7.44 2.02
C ALA A 40 -8.75 8.23 0.94
N ASN A 41 -8.11 8.57 -0.20
CA ASN A 41 -8.81 9.30 -1.30
C ASN A 41 -8.42 8.68 -2.62
N LEU A 42 -9.31 8.83 -3.59
CA LEU A 42 -9.07 8.33 -4.93
C LEU A 42 -8.88 9.57 -5.77
N TRP A 43 -7.88 9.56 -6.64
CA TRP A 43 -7.69 10.70 -7.56
C TRP A 43 -7.23 10.25 -8.92
N VAL A 44 -7.66 10.98 -9.94
CA VAL A 44 -7.31 10.66 -11.31
C VAL A 44 -7.00 11.98 -12.04
N PRO A 45 -6.01 11.97 -12.95
CA PRO A 45 -5.69 13.22 -13.67
C PRO A 45 -6.80 13.53 -14.68
N SER A 46 -7.20 14.78 -14.72
CA SER A 46 -8.26 15.22 -15.60
C SER A 46 -7.74 15.52 -16.98
N VAL A 47 -8.69 15.56 -17.90
CA VAL A 47 -8.47 15.88 -19.29
C VAL A 47 -7.94 17.35 -19.28
N LYS A 48 -8.31 18.11 -18.26
CA LYS A 48 -7.91 19.48 -18.06
C LYS A 48 -6.53 19.61 -17.38
N CYS A 49 -5.74 18.54 -17.35
CA CYS A 49 -4.45 18.62 -16.73
C CYS A 49 -3.43 18.80 -17.80
N THR A 50 -2.78 19.94 -17.79
CA THR A 50 -1.75 20.25 -18.82
C THR A 50 -0.26 20.06 -18.43
N THR A 51 0.02 19.79 -17.16
CA THR A 51 1.39 19.59 -16.72
C THR A 51 2.03 18.46 -17.48
N ALA A 52 3.36 18.35 -17.39
CA ALA A 52 4.14 17.31 -18.06
C ALA A 52 3.91 15.89 -17.58
N GLY A 53 3.69 15.71 -16.27
CA GLY A 53 3.44 14.39 -15.71
C GLY A 53 2.17 13.76 -16.31
N CYS A 54 1.20 14.63 -16.54
CA CYS A 54 -0.10 14.27 -17.13
C CYS A 54 -0.06 13.84 -18.58
N LEU A 55 1.03 14.18 -19.30
CA LEU A 55 1.10 13.88 -20.72
C LEU A 55 1.10 12.44 -21.15
N THR A 56 1.57 11.53 -20.32
CA THR A 56 1.62 10.09 -20.67
C THR A 56 0.48 9.23 -20.05
N LYS A 57 -0.38 9.88 -19.29
CA LYS A 57 -1.43 9.24 -18.51
C LYS A 57 -2.82 9.17 -19.11
N HIS A 58 -3.64 8.25 -18.59
CA HIS A 58 -5.02 8.12 -19.01
C HIS A 58 -5.70 9.22 -18.25
N LEU A 59 -6.53 10.01 -18.94
CA LEU A 59 -7.15 11.15 -18.30
C LEU A 59 -8.66 11.02 -18.25
N TYR A 60 -9.25 11.57 -17.20
CA TYR A 60 -10.69 11.52 -16.98
C TYR A 60 -11.36 12.74 -17.60
N ASP A 61 -12.37 12.45 -18.41
CA ASP A 61 -13.13 13.47 -19.07
C ASP A 61 -14.54 13.24 -18.57
N SER A 62 -14.97 14.06 -17.62
CA SER A 62 -16.28 13.95 -17.05
C SER A 62 -17.40 14.27 -17.99
N SER A 63 -17.08 14.84 -19.16
CA SER A 63 -18.13 15.20 -20.08
C SER A 63 -18.60 13.99 -20.85
N LYS A 64 -17.91 12.87 -20.66
CA LYS A 64 -18.25 11.64 -21.36
C LYS A 64 -18.93 10.64 -20.45
N SER A 65 -19.46 11.10 -19.35
CA SER A 65 -20.07 10.24 -18.35
C SER A 65 -21.38 10.84 -17.89
N ARG A 66 -22.50 10.15 -18.11
CA ARG A 66 -23.75 10.74 -17.66
C ARG A 66 -23.90 10.79 -16.15
N THR A 67 -23.25 9.85 -15.47
CA THR A 67 -23.27 9.77 -14.02
C THR A 67 -22.40 10.80 -13.26
N TYR A 68 -21.62 11.58 -14.01
CA TYR A 68 -20.81 12.61 -13.39
C TYR A 68 -21.70 13.62 -12.65
N GLU A 69 -21.26 14.04 -11.47
CA GLU A 69 -21.99 15.03 -10.75
C GLU A 69 -20.93 15.95 -10.26
N LYS A 70 -21.05 17.18 -10.72
CA LYS A 70 -20.15 18.27 -10.37
C LYS A 70 -20.08 18.56 -8.88
N ASP A 71 -18.87 18.85 -8.43
CA ASP A 71 -18.64 19.24 -7.05
C ASP A 71 -17.82 20.54 -7.12
N GLY A 72 -16.56 20.42 -7.51
CA GLY A 72 -15.77 21.62 -7.67
C GLY A 72 -14.96 22.10 -6.49
N THR A 73 -15.19 21.59 -5.29
CA THR A 73 -14.40 21.98 -4.10
C THR A 73 -12.95 21.69 -4.36
N LYS A 74 -12.11 22.74 -4.26
CA LYS A 74 -10.65 22.62 -4.50
C LYS A 74 -9.95 21.84 -3.38
N VAL A 75 -9.07 20.96 -3.84
CA VAL A 75 -8.32 20.06 -2.99
C VAL A 75 -6.85 20.06 -3.37
N GLU A 76 -6.02 20.03 -2.38
CA GLU A 76 -4.60 19.96 -2.58
C GLU A 76 -4.29 18.67 -1.84
N MET A 77 -3.78 17.69 -2.54
CA MET A 77 -3.47 16.41 -1.92
C MET A 77 -1.93 16.28 -1.62
N ASN A 78 -1.55 16.39 -0.35
CA ASN A 78 -0.15 16.30 0.12
C ASN A 78 0.32 14.99 0.74
N TYR A 79 0.99 14.14 -0.03
CA TYR A 79 1.54 12.90 0.42
C TYR A 79 2.95 13.20 0.92
N VAL A 80 3.61 12.24 1.56
CA VAL A 80 4.97 12.51 1.99
C VAL A 80 5.82 12.57 0.68
N SER A 81 5.37 11.84 -0.33
CA SER A 81 5.97 11.72 -1.67
C SER A 81 5.81 12.92 -2.63
N GLY A 82 4.92 13.86 -2.33
CA GLY A 82 4.65 14.99 -3.21
C GLY A 82 3.21 15.49 -3.17
N THR A 83 2.87 16.43 -4.06
CA THR A 83 1.57 17.06 -4.05
C THR A 83 0.84 17.15 -5.37
N VAL A 84 -0.42 16.76 -5.38
CA VAL A 84 -1.24 16.92 -6.58
C VAL A 84 -2.41 17.77 -6.15
N SER A 85 -2.97 18.54 -7.07
CA SER A 85 -4.04 19.40 -6.70
C SER A 85 -5.18 19.42 -7.77
N GLY A 86 -6.37 19.74 -7.36
CA GLY A 86 -7.49 19.75 -8.28
C GLY A 86 -8.80 20.08 -7.61
N PHE A 87 -9.82 19.25 -7.86
CA PHE A 87 -11.10 19.55 -7.22
C PHE A 87 -11.90 18.32 -7.10
N PHE A 88 -12.86 18.35 -6.20
CA PHE A 88 -13.71 17.20 -6.04
C PHE A 88 -14.73 17.05 -7.18
N SER A 89 -14.99 15.79 -7.53
CA SER A 89 -15.97 15.40 -8.52
C SER A 89 -16.65 14.13 -8.04
N LYS A 90 -17.82 13.82 -8.62
CA LYS A 90 -18.57 12.64 -8.24
C LYS A 90 -18.97 11.96 -9.52
N ASP A 91 -18.73 10.66 -9.54
CA ASP A 91 -19.02 9.87 -10.69
C ASP A 91 -18.93 8.41 -10.29
N LEU A 92 -19.27 7.55 -11.22
CA LEU A 92 -19.25 6.14 -11.02
C LEU A 92 -17.82 5.62 -10.98
N VAL A 93 -17.54 4.73 -10.04
CA VAL A 93 -16.22 4.13 -9.95
C VAL A 93 -16.44 2.63 -9.97
N THR A 94 -15.75 1.99 -10.88
CA THR A 94 -15.79 0.59 -11.03
C THR A 94 -14.49 -0.11 -10.52
N VAL A 95 -14.65 -0.96 -9.50
CA VAL A 95 -13.51 -1.71 -8.97
C VAL A 95 -13.79 -3.19 -9.19
N GLY A 96 -13.02 -3.86 -10.04
CA GLY A 96 -13.27 -5.26 -10.31
C GLY A 96 -14.63 -5.36 -11.00
N ASN A 97 -15.58 -6.14 -10.45
CA ASN A 97 -16.90 -6.22 -11.12
C ASN A 97 -17.97 -5.50 -10.38
N LEU A 98 -17.59 -4.58 -9.51
CA LEU A 98 -18.56 -3.78 -8.75
C LEU A 98 -18.41 -2.28 -9.11
N SER A 99 -19.52 -1.54 -9.06
CA SER A 99 -19.62 -0.11 -9.34
C SER A 99 -20.41 0.57 -8.19
N LEU A 100 -20.14 1.85 -7.96
CA LEU A 100 -20.81 2.64 -6.94
C LEU A 100 -20.60 4.13 -7.23
N PRO A 101 -21.54 4.97 -6.80
CA PRO A 101 -21.32 6.39 -7.06
C PRO A 101 -20.21 6.74 -6.08
N TYR A 102 -19.30 7.65 -6.46
CA TYR A 102 -18.20 7.97 -5.55
C TYR A 102 -17.56 9.35 -5.71
N LYS A 103 -17.13 9.96 -4.61
CA LYS A 103 -16.47 11.27 -4.60
C LYS A 103 -14.89 11.08 -4.68
N PHE A 104 -14.27 11.58 -5.75
CA PHE A 104 -12.82 11.43 -5.98
C PHE A 104 -12.27 12.79 -6.34
N ILE A 105 -10.95 12.86 -6.44
CA ILE A 105 -10.29 14.10 -6.76
C ILE A 105 -9.88 14.04 -8.23
N GLU A 106 -10.31 15.05 -8.98
CA GLU A 106 -9.95 15.26 -10.38
C GLU A 106 -8.76 16.25 -10.24
N VAL A 107 -7.59 15.75 -10.60
CA VAL A 107 -6.33 16.46 -10.48
C VAL A 107 -6.00 17.19 -11.76
N ILE A 108 -5.76 18.48 -11.64
CA ILE A 108 -5.39 19.32 -12.75
C ILE A 108 -3.93 19.84 -12.71
N ASP A 109 -3.30 19.75 -11.54
CA ASP A 109 -1.90 20.17 -11.35
C ASP A 109 -1.08 19.15 -10.57
N THR A 110 -0.06 18.60 -11.26
CA THR A 110 0.84 17.63 -10.70
C THR A 110 2.29 18.13 -10.57
N ASN A 111 2.48 19.45 -10.63
CA ASN A 111 3.84 19.99 -10.57
C ASN A 111 4.48 19.68 -9.28
N GLY A 112 3.68 19.63 -8.24
CA GLY A 112 4.18 19.30 -6.92
C GLY A 112 4.51 17.83 -6.70
N PHE A 113 4.35 17.02 -7.76
CA PHE A 113 4.59 15.56 -7.76
C PHE A 113 5.57 15.15 -8.85
N GLU A 114 6.22 16.14 -9.48
CA GLU A 114 7.24 15.87 -10.51
C GLU A 114 8.69 16.15 -10.02
N PRO A 115 9.68 15.47 -10.60
CA PRO A 115 9.61 14.46 -11.65
C PRO A 115 9.04 13.07 -11.37
N THR A 116 8.59 12.81 -10.14
CA THR A 116 8.07 11.50 -9.79
C THR A 116 6.94 11.07 -10.72
N TYR A 117 5.88 11.86 -10.82
CA TYR A 117 4.75 11.48 -11.68
C TYR A 117 5.17 11.24 -13.16
N THR A 118 6.12 12.05 -13.63
CA THR A 118 6.60 11.94 -15.00
C THR A 118 7.23 10.60 -15.22
N ALA A 119 7.93 10.11 -14.20
CA ALA A 119 8.61 8.82 -14.28
C ALA A 119 7.79 7.71 -13.54
N SER A 120 6.45 7.74 -13.70
CA SER A 120 5.55 6.75 -13.06
C SER A 120 4.65 6.14 -14.11
N THR A 121 4.35 4.86 -14.02
CA THR A 121 3.44 4.24 -14.99
C THR A 121 1.97 4.24 -14.47
N PHE A 122 1.75 4.64 -13.22
CA PHE A 122 0.40 4.71 -12.65
C PHE A 122 -0.25 6.04 -13.02
N ASP A 123 -1.57 6.04 -13.08
CA ASP A 123 -2.32 7.22 -13.40
C ASP A 123 -2.69 7.94 -12.15
N GLY A 124 -3.12 7.17 -11.16
CA GLY A 124 -3.51 7.84 -9.95
C GLY A 124 -3.35 6.94 -8.73
N ILE A 125 -3.92 7.38 -7.62
CA ILE A 125 -3.85 6.61 -6.39
C ILE A 125 -5.25 6.33 -5.82
N LEU A 126 -5.44 5.07 -5.40
CA LEU A 126 -6.74 4.65 -4.78
C LEU A 126 -6.50 4.24 -3.32
N GLY A 127 -6.89 5.12 -2.42
CA GLY A 127 -6.76 4.95 -0.98
C GLY A 127 -7.73 3.91 -0.44
N LEU A 128 -7.24 3.12 0.54
CA LEU A 128 -7.98 2.05 1.20
C LEU A 128 -7.90 2.07 2.73
N GLY A 129 -7.67 3.25 3.30
CA GLY A 129 -7.59 3.38 4.74
C GLY A 129 -8.92 3.74 5.34
N TRP A 130 -8.95 4.33 6.53
CA TRP A 130 -10.21 4.68 7.12
C TRP A 130 -10.71 6.03 6.72
N LYS A 131 -12.01 6.20 6.87
CA LYS A 131 -12.66 7.44 6.53
C LYS A 131 -11.98 8.68 7.10
N ASP A 132 -11.63 8.63 8.38
CA ASP A 132 -10.95 9.78 8.99
C ASP A 132 -9.54 10.11 8.45
N LEU A 133 -8.96 9.18 7.70
CA LEU A 133 -7.67 9.40 7.10
C LEU A 133 -7.87 10.18 5.78
N SER A 134 -9.10 10.38 5.38
CA SER A 134 -9.32 11.06 4.11
C SER A 134 -9.51 12.56 4.13
N ILE A 135 -9.25 13.16 2.98
CA ILE A 135 -9.55 14.57 2.89
C ILE A 135 -11.06 14.53 2.45
N GLY A 136 -11.90 15.27 3.12
CA GLY A 136 -13.28 15.31 2.69
C GLY A 136 -14.22 14.45 3.46
N SER A 137 -13.66 13.61 4.33
CA SER A 137 -14.46 12.72 5.14
C SER A 137 -15.27 11.73 4.27
N VAL A 138 -14.62 11.23 3.21
CA VAL A 138 -15.20 10.29 2.28
C VAL A 138 -15.20 8.88 2.86
N ASP A 139 -16.36 8.25 2.88
CA ASP A 139 -16.42 6.90 3.39
C ASP A 139 -15.68 5.99 2.47
N PRO A 140 -14.89 5.06 3.03
CA PRO A 140 -14.11 4.09 2.27
C PRO A 140 -14.98 3.40 1.23
N ILE A 141 -14.35 3.00 0.13
CA ILE A 141 -15.04 2.34 -0.97
C ILE A 141 -15.69 1.05 -0.48
N VAL A 142 -14.90 0.23 0.24
CA VAL A 142 -15.33 -1.06 0.77
C VAL A 142 -16.46 -0.93 1.80
N VAL A 143 -16.45 0.14 2.60
CA VAL A 143 -17.50 0.35 3.62
C VAL A 143 -18.83 0.60 2.90
N GLU A 144 -18.73 1.33 1.80
CA GLU A 144 -19.83 1.70 0.91
C GLU A 144 -20.46 0.48 0.24
N LEU A 145 -19.62 -0.30 -0.43
CA LEU A 145 -20.08 -1.45 -1.09
C LEU A 145 -20.88 -2.25 -0.05
N LYS A 146 -20.38 -2.33 1.18
CA LYS A 146 -21.09 -3.10 2.18
C LYS A 146 -22.42 -2.49 2.52
N ASN A 147 -22.42 -1.17 2.65
CA ASN A 147 -23.64 -0.46 2.98
C ASN A 147 -24.68 -0.75 1.89
N GLN A 148 -24.23 -0.89 0.65
CA GLN A 148 -25.15 -1.10 -0.46
C GLN A 148 -25.38 -2.53 -0.82
N ASN A 149 -24.96 -3.40 0.08
CA ASN A 149 -25.10 -4.83 -0.09
C ASN A 149 -24.45 -5.38 -1.31
N LYS A 150 -23.41 -4.72 -1.79
CA LYS A 150 -22.81 -5.27 -2.96
C LYS A 150 -21.81 -6.31 -2.54
N ILE A 151 -21.34 -6.25 -1.29
CA ILE A 151 -20.40 -7.27 -0.80
C ILE A 151 -20.89 -7.90 0.52
N GLU A 152 -20.34 -9.08 0.83
CA GLU A 152 -20.65 -9.86 2.03
C GLU A 152 -20.15 -9.17 3.32
N ASN A 153 -18.87 -8.81 3.34
CA ASN A 153 -18.29 -8.20 4.52
C ASN A 153 -17.55 -6.91 4.20
N ALA A 154 -17.52 -5.96 5.12
CA ALA A 154 -16.76 -4.71 4.93
C ALA A 154 -15.27 -5.00 5.27
N LEU A 155 -14.60 -5.78 4.41
CA LEU A 155 -13.18 -6.11 4.53
C LEU A 155 -12.59 -6.31 3.15
N PHE A 156 -11.27 -6.16 3.02
CA PHE A 156 -10.56 -6.43 1.74
C PHE A 156 -9.27 -7.16 2.16
N THR A 157 -8.64 -7.85 1.24
CA THR A 157 -7.42 -8.53 1.55
C THR A 157 -6.37 -8.31 0.42
N PHE A 158 -5.08 -8.47 0.73
CA PHE A 158 -4.05 -8.25 -0.28
C PHE A 158 -3.23 -9.43 -0.41
N TYR A 159 -3.15 -10.00 -1.62
CA TYR A 159 -2.28 -11.12 -1.94
C TYR A 159 -1.29 -10.49 -2.94
N LEU A 160 -0.14 -10.02 -2.46
CA LEU A 160 0.80 -9.32 -3.35
C LEU A 160 1.49 -10.16 -4.37
N PRO A 161 1.70 -9.59 -5.59
CA PRO A 161 2.39 -10.37 -6.61
C PRO A 161 3.86 -10.65 -6.19
N VAL A 162 4.43 -11.75 -6.66
CA VAL A 162 5.84 -11.99 -6.39
C VAL A 162 6.51 -12.15 -7.77
N HIS A 163 7.37 -11.19 -8.10
CA HIS A 163 8.08 -11.18 -9.38
C HIS A 163 8.57 -12.54 -9.90
N ASP A 164 8.34 -12.80 -11.18
CA ASP A 164 8.77 -14.07 -11.79
C ASP A 164 7.98 -15.26 -11.27
N LYS A 165 7.38 -15.11 -10.09
CA LYS A 165 6.62 -16.21 -9.52
C LYS A 165 5.12 -16.24 -9.88
N HIS A 166 4.35 -15.33 -9.30
CA HIS A 166 2.91 -15.33 -9.52
C HIS A 166 2.34 -13.92 -9.38
N THR A 167 1.04 -13.78 -9.73
CA THR A 167 0.28 -12.51 -9.60
C THR A 167 -0.26 -12.31 -8.20
N GLY A 168 -0.89 -11.15 -8.05
CA GLY A 168 -1.46 -10.75 -6.79
C GLY A 168 -2.90 -10.51 -7.02
N PHE A 169 -3.59 -10.18 -5.94
CA PHE A 169 -5.01 -9.90 -6.00
C PHE A 169 -5.42 -9.11 -4.80
N LEU A 170 -6.15 -8.02 -5.03
CA LEU A 170 -6.75 -7.28 -3.96
C LEU A 170 -8.16 -7.91 -4.00
N THR A 171 -8.57 -8.61 -2.93
CA THR A 171 -9.90 -9.23 -2.88
C THR A 171 -10.83 -8.46 -1.93
N ILE A 172 -11.92 -7.91 -2.46
CA ILE A 172 -12.91 -7.16 -1.69
C ILE A 172 -14.10 -8.05 -1.31
N GLY A 173 -14.52 -7.98 -0.07
CA GLY A 173 -15.69 -8.72 0.32
C GLY A 173 -15.57 -9.98 1.13
N GLY A 174 -14.45 -10.69 1.01
CA GLY A 174 -14.32 -11.90 1.76
C GLY A 174 -12.93 -12.41 1.71
N ILE A 175 -12.70 -13.44 2.49
CA ILE A 175 -11.40 -14.06 2.61
C ILE A 175 -11.25 -15.37 1.86
N GLU A 176 -10.26 -15.44 0.99
CA GLU A 176 -10.07 -16.67 0.25
C GLU A 176 -8.87 -17.44 0.71
N GLU A 177 -9.14 -18.68 1.10
CA GLU A 177 -8.13 -19.58 1.59
C GLU A 177 -7.05 -19.91 0.56
N ARG A 178 -7.36 -19.78 -0.74
CA ARG A 178 -6.39 -20.04 -1.81
C ARG A 178 -5.11 -19.20 -1.61
N PHE A 179 -5.22 -18.08 -0.91
CA PHE A 179 -4.08 -17.17 -0.73
C PHE A 179 -3.13 -17.37 0.43
N TYR A 180 -3.53 -18.10 1.48
CA TYR A 180 -2.69 -18.27 2.66
C TYR A 180 -2.61 -19.67 3.22
N GLU A 181 -1.55 -19.94 3.99
CA GLU A 181 -1.36 -21.23 4.62
C GLU A 181 -1.17 -20.97 6.10
N GLY A 182 -1.44 -21.99 6.91
CA GLY A 182 -1.34 -21.83 8.35
C GLY A 182 -2.45 -20.95 8.91
N PRO A 183 -2.30 -20.51 10.17
CA PRO A 183 -3.35 -19.66 10.74
C PRO A 183 -3.41 -18.19 10.30
N LEU A 184 -4.60 -17.63 10.48
CA LEU A 184 -4.86 -16.24 10.18
C LEU A 184 -5.07 -15.65 11.55
N THR A 185 -4.17 -14.77 11.94
CA THR A 185 -4.20 -14.15 13.24
C THR A 185 -4.61 -12.71 13.18
N TYR A 186 -5.53 -12.34 14.04
CA TYR A 186 -6.00 -10.99 14.05
C TYR A 186 -5.32 -10.11 15.09
N GLU A 187 -5.03 -8.88 14.66
CA GLU A 187 -4.42 -7.88 15.51
C GLU A 187 -5.40 -6.70 15.41
N LYS A 188 -5.82 -6.22 16.57
CA LYS A 188 -6.76 -5.12 16.69
C LYS A 188 -6.21 -3.77 16.22
N LEU A 189 -6.93 -3.04 15.38
CA LEU A 189 -6.45 -1.73 14.98
C LEU A 189 -6.28 -0.98 16.28
N ASN A 190 -5.23 -0.16 16.42
CA ASN A 190 -5.18 0.61 17.65
C ASN A 190 -5.97 1.89 17.41
N HIS A 191 -6.25 2.21 16.14
CA HIS A 191 -7.02 3.39 15.74
C HIS A 191 -7.64 3.20 14.38
N ASP A 192 -8.78 3.83 14.17
CA ASP A 192 -9.48 3.79 12.88
C ASP A 192 -8.98 4.97 12.02
N LEU A 193 -7.76 4.87 11.57
CA LEU A 193 -7.15 5.91 10.73
C LEU A 193 -6.46 5.15 9.68
N TYR A 194 -5.20 4.82 9.98
CA TYR A 194 -4.34 3.96 9.16
C TYR A 194 -4.69 2.55 9.63
N TRP A 195 -4.19 1.56 8.94
CA TRP A 195 -4.35 0.20 9.39
C TRP A 195 -3.09 -0.03 10.25
N GLN A 196 -3.15 0.48 11.46
CA GLN A 196 -2.04 0.45 12.42
C GLN A 196 -2.39 -0.44 13.63
N ILE A 197 -1.45 -1.29 14.01
CA ILE A 197 -1.63 -2.20 15.12
C ILE A 197 -0.40 -2.09 16.03
N THR A 198 -0.51 -2.57 17.27
CA THR A 198 0.61 -2.55 18.23
C THR A 198 1.37 -3.90 18.33
N LEU A 199 2.67 -3.90 17.97
CA LEU A 199 3.47 -5.09 18.05
C LEU A 199 4.83 -4.77 18.72
N ASP A 200 5.41 -5.71 19.47
CA ASP A 200 6.73 -5.45 20.05
C ASP A 200 7.68 -5.71 18.90
N ALA A 201 8.62 -4.81 18.62
CA ALA A 201 9.57 -5.05 17.53
C ALA A 201 10.92 -5.55 18.06
N HIS A 202 11.45 -6.60 17.47
CA HIS A 202 12.71 -7.06 17.94
C HIS A 202 13.67 -7.49 16.84
N VAL A 203 14.93 -7.06 16.98
CA VAL A 203 15.96 -7.39 16.02
C VAL A 203 17.24 -7.61 16.76
N GLY A 204 17.66 -8.85 16.85
CA GLY A 204 18.90 -9.12 17.53
C GLY A 204 18.61 -9.05 19.00
N ASN A 205 19.04 -7.97 19.64
CA ASN A 205 18.79 -7.81 21.07
C ASN A 205 18.17 -6.48 21.34
N ILE A 206 17.91 -5.75 20.26
CA ILE A 206 17.24 -4.50 20.45
C ILE A 206 15.77 -4.84 20.47
N SER A 207 15.04 -4.20 21.33
CA SER A 207 13.65 -4.49 21.37
C SER A 207 12.96 -3.15 21.56
N LEU A 208 11.83 -2.99 20.89
CA LEU A 208 11.05 -1.76 20.99
C LEU A 208 9.69 -2.29 21.37
N GLU A 209 9.30 -2.07 22.60
CA GLU A 209 8.04 -2.54 23.06
C GLU A 209 6.89 -1.75 22.56
N LYS A 210 5.86 -2.48 22.16
CA LYS A 210 4.64 -1.85 21.72
C LYS A 210 4.85 -0.74 20.69
N ALA A 211 5.51 -1.11 19.61
CA ALA A 211 5.77 -0.22 18.51
C ALA A 211 4.45 -0.10 17.70
N ASN A 212 4.19 1.08 17.17
CA ASN A 212 3.03 1.31 16.31
C ASN A 212 3.52 0.78 14.97
N CYS A 213 2.74 -0.12 14.34
CA CYS A 213 3.10 -0.73 13.07
C CYS A 213 2.02 -0.40 12.04
N ILE A 214 2.39 0.36 11.01
CA ILE A 214 1.42 0.72 9.96
C ILE A 214 1.55 -0.25 8.79
N VAL A 215 0.48 -0.98 8.50
CA VAL A 215 0.47 -1.94 7.40
C VAL A 215 0.11 -1.17 6.09
N ASP A 216 1.12 -0.85 5.28
CA ASP A 216 0.90 0.00 4.10
C ASP A 216 1.28 -0.66 2.78
N SER A 217 0.29 -1.02 1.95
CA SER A 217 0.53 -1.60 0.60
C SER A 217 1.23 -0.53 -0.33
N GLY A 218 1.07 0.74 0.04
CA GLY A 218 1.60 1.88 -0.69
C GLY A 218 3.05 2.23 -0.37
N THR A 219 3.68 1.55 0.59
CA THR A 219 5.11 1.79 0.97
C THR A 219 5.92 0.63 0.41
N SER A 220 6.94 0.91 -0.39
CA SER A 220 7.74 -0.17 -0.98
C SER A 220 8.91 -0.69 -0.16
N ALA A 221 9.10 -0.16 1.04
CA ALA A 221 10.19 -0.61 1.89
C ALA A 221 9.66 -0.88 3.28
N ILE A 222 10.50 -1.43 4.17
CA ILE A 222 10.12 -1.52 5.58
C ILE A 222 10.77 -0.24 6.20
N THR A 223 10.00 0.60 6.90
CA THR A 223 10.58 1.72 7.57
C THR A 223 10.70 1.36 9.06
N VAL A 224 11.80 1.87 9.63
CA VAL A 224 12.29 1.64 10.99
C VAL A 224 12.62 3.03 11.68
N PRO A 225 12.43 3.13 13.03
CA PRO A 225 12.77 4.43 13.65
C PRO A 225 14.31 4.55 13.51
N THR A 226 14.86 5.74 13.46
CA THR A 226 16.30 5.81 13.26
C THR A 226 17.22 5.34 14.39
N ASP A 227 16.86 5.65 15.64
CA ASP A 227 17.70 5.21 16.78
C ASP A 227 17.77 3.69 16.87
N PHE A 228 16.68 3.02 16.48
CA PHE A 228 16.54 1.56 16.43
C PHE A 228 17.44 1.04 15.32
N LEU A 229 17.36 1.71 14.18
CA LEU A 229 18.18 1.32 13.06
C LEU A 229 19.64 1.57 13.48
N ASN A 230 19.93 2.70 14.06
CA ASN A 230 21.29 2.98 14.50
C ASN A 230 21.88 1.85 15.39
N LYS A 231 21.13 1.44 16.42
CA LYS A 231 21.59 0.33 17.27
C LYS A 231 21.77 -0.95 16.49
N MET A 232 20.90 -1.27 15.56
CA MET A 232 21.07 -2.54 14.85
C MET A 232 22.16 -2.59 13.81
N LEU A 233 22.57 -1.44 13.28
CA LEU A 233 23.64 -1.43 12.26
C LEU A 233 25.04 -1.53 12.89
N GLN A 234 25.12 -1.35 14.21
CA GLN A 234 26.39 -1.41 14.91
C GLN A 234 27.07 -2.75 14.59
N ASN A 235 28.18 -2.66 13.90
CA ASN A 235 28.95 -3.83 13.50
C ASN A 235 28.33 -4.77 12.47
N LEU A 236 27.06 -4.60 12.12
CA LEU A 236 26.45 -5.43 11.07
C LEU A 236 27.33 -5.06 9.88
N ASP A 237 27.58 -5.95 8.94
CA ASP A 237 28.47 -5.44 7.90
C ASP A 237 27.67 -4.73 6.82
N VAL A 238 26.95 -3.69 7.23
CA VAL A 238 26.03 -2.92 6.39
C VAL A 238 26.46 -1.46 6.21
N ILE A 239 26.67 -1.07 4.95
CA ILE A 239 27.14 0.27 4.66
C ILE A 239 26.07 1.19 4.14
N LYS A 240 26.04 2.39 4.72
CA LYS A 240 25.11 3.43 4.36
C LYS A 240 25.77 4.32 3.32
N VAL A 241 25.10 4.58 2.22
CA VAL A 241 25.65 5.52 1.24
C VAL A 241 25.17 6.83 1.85
N PRO A 242 26.10 7.72 2.27
CA PRO A 242 25.68 8.98 2.87
C PRO A 242 24.75 9.82 1.99
N PHE A 243 23.94 10.64 2.66
CA PHE A 243 22.97 11.54 2.03
C PHE A 243 21.73 10.87 1.45
N LEU A 244 21.95 9.81 0.70
CA LEU A 244 20.93 8.96 0.07
C LEU A 244 20.53 7.88 1.13
N PRO A 245 19.21 7.54 1.26
CA PRO A 245 18.70 6.56 2.22
C PRO A 245 19.09 5.08 2.04
N PHE A 246 20.00 4.78 1.11
CA PHE A 246 20.44 3.43 0.79
C PHE A 246 21.49 2.78 1.67
N TYR A 247 21.17 1.52 1.99
CA TYR A 247 21.99 0.60 2.79
C TYR A 247 22.33 -0.59 1.94
N VAL A 248 23.60 -0.83 1.72
CA VAL A 248 24.01 -1.97 0.92
C VAL A 248 24.85 -2.99 1.73
N THR A 249 24.84 -4.23 1.27
CA THR A 249 25.54 -5.28 1.99
C THR A 249 25.78 -6.40 1.03
N LEU A 250 26.71 -7.26 1.35
CA LEU A 250 26.96 -8.44 0.52
C LEU A 250 25.72 -9.30 0.72
N CYS A 251 25.17 -9.86 -0.35
CA CYS A 251 23.97 -10.66 -0.22
C CYS A 251 24.13 -11.80 0.72
N ASN A 252 25.39 -12.18 0.96
CA ASN A 252 25.67 -13.29 1.87
C ASN A 252 26.18 -12.96 3.27
N ASN A 253 26.00 -11.71 3.68
CA ASN A 253 26.44 -11.28 4.98
C ASN A 253 25.69 -12.09 6.03
N SER A 254 26.45 -12.96 6.67
CA SER A 254 25.93 -13.81 7.70
C SER A 254 25.37 -13.07 8.91
N LYS A 255 25.73 -11.81 9.13
CA LYS A 255 25.23 -11.08 10.32
C LYS A 255 23.82 -10.53 10.22
N LEU A 256 23.24 -10.58 9.03
CA LEU A 256 21.93 -10.02 8.78
C LEU A 256 20.85 -10.63 9.67
N PRO A 257 20.25 -9.82 10.54
CA PRO A 257 19.19 -10.25 11.47
C PRO A 257 17.77 -10.31 10.85
N THR A 258 16.89 -11.03 11.53
CA THR A 258 15.49 -11.23 11.16
C THR A 258 14.64 -10.26 11.98
N PHE A 259 13.79 -9.48 11.34
CA PHE A 259 12.88 -8.61 12.11
C PHE A 259 11.84 -9.53 12.77
N GLU A 260 11.44 -9.22 14.00
CA GLU A 260 10.43 -10.04 14.69
C GLU A 260 9.45 -9.13 15.27
N PHE A 261 8.18 -9.27 14.88
CA PHE A 261 7.14 -8.41 15.45
C PHE A 261 6.17 -9.38 16.11
N THR A 262 5.78 -9.05 17.33
CA THR A 262 5.00 -9.98 18.09
C THR A 262 3.89 -9.33 18.88
N SER A 263 2.82 -10.08 19.03
CA SER A 263 1.66 -9.71 19.84
C SER A 263 1.39 -10.99 20.69
N GLU A 264 0.38 -10.96 21.56
CA GLU A 264 0.13 -12.21 22.26
C GLU A 264 -0.57 -13.24 21.35
N ASN A 265 -0.95 -12.82 20.14
CA ASN A 265 -1.60 -13.71 19.16
C ASN A 265 -0.67 -14.37 18.13
N GLY A 266 0.38 -13.65 17.68
CA GLY A 266 1.25 -14.25 16.70
C GLY A 266 2.60 -13.62 16.70
N LYS A 267 3.49 -14.15 15.88
CA LYS A 267 4.83 -13.62 15.78
C LYS A 267 5.13 -13.56 14.30
N TYR A 268 5.41 -12.35 13.81
CA TYR A 268 5.66 -12.19 12.40
C TYR A 268 7.11 -11.86 12.20
N THR A 269 7.76 -12.60 11.34
CA THR A 269 9.18 -12.34 11.09
C THR A 269 9.52 -11.98 9.64
N LEU A 270 10.58 -11.23 9.46
CA LEU A 270 11.01 -10.92 8.12
C LEU A 270 12.52 -11.17 8.06
N GLU A 271 12.84 -12.31 7.50
CA GLU A 271 14.17 -12.80 7.32
C GLU A 271 14.85 -11.97 6.20
N PRO A 272 16.21 -12.03 6.10
CA PRO A 272 17.00 -11.31 5.09
C PRO A 272 16.53 -11.53 3.65
N GLU A 273 16.21 -12.77 3.26
CA GLU A 273 15.70 -13.02 1.90
C GLU A 273 14.51 -12.14 1.52
N TYR A 274 13.74 -11.69 2.52
CA TYR A 274 12.59 -10.80 2.31
C TYR A 274 12.89 -9.31 2.26
N TYR A 275 13.95 -8.84 2.90
CA TYR A 275 14.21 -7.41 2.83
C TYR A 275 15.43 -7.03 1.97
N LEU A 276 16.08 -8.03 1.36
CA LEU A 276 17.26 -7.81 0.51
C LEU A 276 16.92 -7.73 -0.98
N GLN A 277 17.19 -6.58 -1.58
CA GLN A 277 16.99 -6.34 -3.01
C GLN A 277 18.38 -6.51 -3.65
N HIS A 278 18.42 -6.56 -4.98
CA HIS A 278 19.65 -6.73 -5.81
C HIS A 278 19.83 -8.21 -6.14
N ILE A 279 20.76 -8.80 -5.39
CA ILE A 279 21.12 -10.19 -5.49
C ILE A 279 21.83 -10.46 -6.82
N GLU A 280 23.17 -10.54 -6.76
CA GLU A 280 24.06 -10.79 -7.93
C GLU A 280 24.16 -9.47 -8.69
N ASP A 281 24.62 -8.43 -7.98
CA ASP A 281 24.66 -7.08 -8.52
C ASP A 281 25.92 -6.43 -9.19
N VAL A 282 26.30 -5.26 -8.69
CA VAL A 282 27.44 -4.52 -9.21
C VAL A 282 28.72 -4.96 -8.49
N GLY A 283 29.36 -5.96 -9.10
CA GLY A 283 30.57 -6.54 -8.56
C GLY A 283 30.24 -7.97 -8.16
N PRO A 284 30.32 -8.31 -6.86
CA PRO A 284 30.01 -9.70 -6.45
C PRO A 284 28.45 -9.80 -6.32
N GLY A 285 28.02 -9.82 -5.06
CA GLY A 285 26.62 -9.87 -4.71
C GLY A 285 26.46 -8.73 -3.75
N LEU A 286 26.25 -7.54 -4.30
CA LEU A 286 26.01 -6.38 -3.47
C LEU A 286 24.49 -6.37 -3.42
N CYS A 287 23.92 -6.24 -2.24
CA CYS A 287 22.48 -6.27 -2.12
C CYS A 287 22.10 -5.01 -1.49
N MET A 288 20.93 -4.50 -1.84
CA MET A 288 20.41 -3.30 -1.18
C MET A 288 19.43 -3.75 -0.09
N LEU A 289 19.44 -3.13 1.10
CA LEU A 289 18.41 -3.49 2.10
C LEU A 289 17.23 -2.59 1.81
N ASN A 290 16.07 -3.20 1.65
CA ASN A 290 14.82 -2.47 1.38
C ASN A 290 14.27 -1.96 2.72
N ILE A 291 15.09 -1.18 3.42
CA ILE A 291 14.78 -0.64 4.72
C ILE A 291 15.23 0.80 4.76
N ILE A 292 14.47 1.69 5.40
CA ILE A 292 14.89 3.06 5.54
C ILE A 292 14.44 3.54 6.90
N GLY A 293 15.27 4.43 7.46
CA GLY A 293 15.01 5.02 8.77
C GLY A 293 13.97 6.11 8.67
N LEU A 294 12.93 6.07 9.48
CA LEU A 294 11.90 7.10 9.39
C LEU A 294 11.28 7.24 10.79
N ASP A 295 11.21 8.49 11.22
CA ASP A 295 10.75 8.83 12.52
C ASP A 295 9.41 9.51 12.56
N PHE A 296 8.55 9.02 13.45
CA PHE A 296 7.21 9.57 13.67
C PHE A 296 7.20 9.98 15.15
N PRO A 297 6.18 10.75 15.59
CA PRO A 297 6.06 11.20 16.98
C PRO A 297 6.22 10.03 17.99
N VAL A 298 5.66 8.88 17.64
CA VAL A 298 5.83 7.70 18.47
C VAL A 298 6.48 6.66 17.54
N PRO A 299 7.47 5.93 18.06
CA PRO A 299 8.19 4.91 17.28
C PRO A 299 7.26 4.06 16.41
N THR A 300 7.48 4.16 15.11
CA THR A 300 6.67 3.50 14.12
C THR A 300 7.48 2.75 13.13
N PHE A 301 6.98 1.60 12.76
CA PHE A 301 7.56 0.79 11.72
C PHE A 301 6.46 0.81 10.63
N ILE A 302 6.80 1.07 9.37
CA ILE A 302 5.79 0.94 8.32
C ILE A 302 6.06 -0.43 7.71
N LEU A 303 5.08 -1.31 7.84
CA LEU A 303 5.18 -2.64 7.29
C LEU A 303 4.68 -2.56 5.86
N GLY A 304 5.60 -2.16 4.98
CA GLY A 304 5.26 -2.01 3.58
C GLY A 304 5.36 -3.27 2.76
N ASP A 305 5.41 -3.08 1.46
CA ASP A 305 5.47 -4.18 0.51
C ASP A 305 6.34 -5.39 0.86
N PRO A 306 7.59 -5.16 1.35
CA PRO A 306 8.40 -6.34 1.69
C PRO A 306 7.71 -7.30 2.75
N PHE A 307 6.97 -6.71 3.69
CA PHE A 307 6.27 -7.52 4.70
C PHE A 307 5.05 -8.24 4.06
N MET A 308 4.26 -7.47 3.31
CA MET A 308 3.07 -7.96 2.65
C MET A 308 3.36 -8.95 1.58
N ARG A 309 4.59 -8.98 1.03
CA ARG A 309 4.90 -9.96 0.03
C ARG A 309 4.99 -11.35 0.67
N LYS A 310 5.47 -11.39 1.90
CA LYS A 310 5.58 -12.62 2.65
C LYS A 310 4.25 -12.99 3.32
N TYR A 311 3.60 -11.99 3.88
CA TYR A 311 2.32 -12.15 4.57
C TYR A 311 1.03 -11.68 3.86
N PHE A 312 0.09 -12.62 3.72
CA PHE A 312 -1.25 -12.34 3.24
C PHE A 312 -1.86 -11.45 4.38
N THR A 313 -2.64 -10.45 4.00
CA THR A 313 -3.11 -9.58 5.02
C THR A 313 -4.56 -9.33 4.81
N VAL A 314 -5.31 -9.22 5.90
CA VAL A 314 -6.75 -8.98 5.83
C VAL A 314 -7.08 -7.67 6.52
N PHE A 315 -7.91 -6.85 5.86
CA PHE A 315 -8.30 -5.55 6.40
C PHE A 315 -9.82 -5.56 6.62
N ASP A 316 -10.20 -5.60 7.89
CA ASP A 316 -11.57 -5.71 8.31
C ASP A 316 -12.13 -4.48 8.94
N TYR A 317 -12.95 -3.75 8.20
CA TYR A 317 -13.56 -2.58 8.77
C TYR A 317 -14.60 -3.01 9.81
N ASP A 318 -15.25 -4.16 9.61
CA ASP A 318 -16.29 -4.55 10.57
C ASP A 318 -15.73 -4.86 11.97
N ASN A 319 -14.60 -5.54 12.00
CA ASN A 319 -13.96 -5.91 13.25
C ASN A 319 -12.82 -5.08 13.71
N HIS A 320 -12.55 -3.97 12.99
CA HIS A 320 -11.48 -3.04 13.32
C HIS A 320 -10.18 -3.78 13.64
N SER A 321 -9.78 -4.66 12.72
CA SER A 321 -8.60 -5.46 12.93
C SER A 321 -7.88 -5.79 11.61
N VAL A 322 -6.65 -6.25 11.71
CA VAL A 322 -5.87 -6.64 10.56
C VAL A 322 -5.56 -8.08 10.85
N GLY A 323 -5.77 -8.95 9.88
CA GLY A 323 -5.51 -10.37 10.03
C GLY A 323 -4.26 -10.58 9.22
N ILE A 324 -3.40 -11.50 9.66
CA ILE A 324 -2.12 -11.76 9.02
C ILE A 324 -1.87 -13.27 8.95
N ALA A 325 -1.46 -13.78 7.78
CA ALA A 325 -1.19 -15.18 7.60
C ALA A 325 -0.09 -15.30 6.60
N LEU A 326 0.60 -16.42 6.59
CA LEU A 326 1.65 -16.70 5.65
C LEU A 326 1.04 -16.82 4.25
N ALA A 327 1.50 -15.99 3.35
CA ALA A 327 0.98 -16.05 2.01
C ALA A 327 1.43 -17.28 1.31
N LYS A 328 0.51 -17.87 0.55
CA LYS A 328 0.90 -19.01 -0.23
C LYS A 328 1.90 -18.63 -1.33
N LYS A 329 3.01 -19.35 -1.38
CA LYS A 329 4.06 -19.14 -2.37
C LYS A 329 3.56 -19.13 -3.82
N ASN A 330 2.57 -19.94 -4.14
CA ASN A 330 2.06 -19.91 -5.51
C ASN A 330 0.60 -20.32 -5.67
N LEU A 331 -0.03 -19.79 -6.72
CA LEU A 331 -1.42 -20.09 -7.07
C LEU A 331 -1.47 -21.26 -8.09
C R36 B . 7.69 4.69 -0.26
C8 R36 B . 6.96 5.28 0.77
C9 R36 B . 7.56 5.36 2.06
C10 R36 B . 8.84 4.85 2.27
C13 R36 B . 9.53 4.27 1.24
C14 R36 B . 8.98 4.18 -0.02
C3 R36 B . 6.83 6.04 3.21
C2 R36 B . 7.11 4.60 -1.65
C16 R36 B . -0.97 10.61 3.26
C26 R36 B . -1.88 9.92 4.08
C27 R36 B . -3.20 10.41 4.30
C28 R36 B . -3.61 11.57 3.71
C29 R36 B . -2.73 12.29 2.88
N1 R36 B . -3.18 13.57 2.31
C30 R36 B . -1.41 11.81 2.65
O1 R36 B . 5.68 5.78 0.50
C34 R36 B . 5.50 7.17 0.29
C25 R36 B . 4.03 7.65 0.29
O26 R36 B . 3.75 8.85 0.10
N16 R36 B . 3.09 6.74 0.47
C15 R36 B . 0.97 6.31 1.62
O14 R36 B . 1.28 4.93 1.46
C12 R36 B . 1.58 6.65 2.94
C4 R36 B . 1.80 8.10 3.28
C5 R36 B . 2.65 8.23 4.55
C6 R36 B . 2.23 7.74 5.93
C11 R36 B . 3.11 8.42 6.94
C7 R36 B . 2.37 6.26 6.12
N3 R36 B . 0.53 8.81 3.36
C1 R36 B . 0.36 10.10 3.08
O2 R36 B . 1.29 10.83 2.72
C17 R36 B . 1.69 7.09 0.49
C18 R36 B . 1.05 6.73 -0.83
C19 R36 B . 1.80 7.19 -2.03
C20 R36 B . 1.67 8.50 -2.48
C21 R36 B . 2.32 8.92 -3.67
C22 R36 B . 3.11 8.03 -4.39
C23 R36 B . 3.27 6.72 -3.94
C24 R36 B . 2.59 6.30 -2.75
#